data_8P8E
#
_entry.id   8P8E
#
_cell.length_a   41.796
_cell.length_b   43.201
_cell.length_c   126.181
_cell.angle_alpha   90.000
_cell.angle_beta   90.000
_cell.angle_gamma   90.000
#
_symmetry.space_group_name_H-M   'P 21 21 21'
#
loop_
_entity.id
_entity.type
_entity.pdbx_description
1 polymer 'Glycoside hydrolase family protein'
2 non-polymer '4-(2-HYDROXYETHYL)-1-PIPERAZINE ETHANESULFONIC ACID'
3 non-polymer DI(HYDROXYETHYL)ETHER
4 water water
#
_entity_poly.entity_id   1
_entity_poly.type   'polypeptide(L)'
_entity_poly.pdbx_seq_one_letter_code
;MKITKDILITGTGCTTDRAIKWLDDVQAAMDKFHIESPRAIAAYLANIGVESGGLVSLVENLNYSAQGLANTWPRRYAVD
PRVRPYVPNALANRLARNPVAIANNVYADRMGNGCEQDGDGWKYRGRGLIQLTGKSNYSLFAEDSGMDVLEKPELLETPA
GASMSSAWFFWRNRCIPMAESNNFSMVVKTINGAAPNDANHGQLRINRYMKTIAAINQGS
;
_entity_poly.pdbx_strand_id   AAA
#
# COMPACT_ATOMS: atom_id res chain seq x y z
N MET A 1 16.55 -12.41 -8.72
CA MET A 1 17.27 -13.48 -7.94
C MET A 1 16.24 -14.32 -7.20
N LYS A 2 16.47 -15.64 -7.10
CA LYS A 2 15.62 -16.58 -6.34
C LYS A 2 15.77 -16.28 -4.84
N ILE A 3 14.68 -15.98 -4.15
CA ILE A 3 14.71 -15.74 -2.69
C ILE A 3 14.21 -17.00 -2.00
N THR A 4 14.41 -17.05 -0.70
CA THR A 4 14.05 -18.18 0.18
C THR A 4 12.94 -17.72 1.13
N LYS A 5 12.27 -18.68 1.76
CA LYS A 5 11.40 -18.45 2.94
C LYS A 5 12.12 -17.52 3.94
N ASP A 6 13.39 -17.80 4.26
CA ASP A 6 14.14 -17.06 5.31
C ASP A 6 14.37 -15.60 4.88
N ILE A 7 14.71 -15.36 3.61
CA ILE A 7 14.90 -13.98 3.04
C ILE A 7 13.56 -13.24 3.12
N LEU A 8 12.47 -13.90 2.76
CA LEU A 8 11.13 -13.27 2.79
C LEU A 8 10.77 -12.87 4.24
N ILE A 9 11.05 -13.73 5.22
CA ILE A 9 10.77 -13.43 6.65
C ILE A 9 11.66 -12.26 7.07
N THR A 10 12.96 -12.32 6.76
CA THR A 10 13.94 -11.26 7.11
C THR A 10 13.44 -9.92 6.56
N GLY A 11 12.96 -9.94 5.32
CA GLY A 11 12.54 -8.72 4.60
C GLY A 11 11.22 -8.17 5.10
N THR A 12 10.25 -9.02 5.40
CA THR A 12 8.85 -8.57 5.63
C THR A 12 8.42 -8.66 7.09
N GLY A 13 9.14 -9.40 7.93
CA GLY A 13 8.73 -9.69 9.32
C GLY A 13 7.52 -10.61 9.39
N CYS A 14 7.20 -11.33 8.32
CA CYS A 14 6.00 -12.21 8.31
C CYS A 14 6.27 -13.49 9.10
N THR A 15 5.21 -14.23 9.43
CA THR A 15 5.31 -15.55 10.08
C THR A 15 5.89 -16.56 9.11
N THR A 16 6.42 -17.66 9.62
CA THR A 16 6.84 -18.79 8.77
C THR A 16 5.69 -19.27 7.88
N ASP A 17 4.50 -19.47 8.43
CA ASP A 17 3.32 -19.98 7.67
C ASP A 17 2.97 -19.01 6.52
N ARG A 18 2.95 -17.72 6.79
CA ARG A 18 2.64 -16.73 5.74
C ARG A 18 3.75 -16.72 4.70
N ALA A 19 5.02 -16.80 5.11
CA ALA A 19 6.14 -16.81 4.14
C ALA A 19 5.94 -17.98 3.16
N ILE A 20 5.55 -19.15 3.66
CA ILE A 20 5.31 -20.34 2.81
C ILE A 20 4.14 -20.06 1.85
N LYS A 21 3.07 -19.42 2.32
CA LYS A 21 1.87 -19.15 1.46
C LYS A 21 2.19 -18.06 0.42
N TRP A 22 3.11 -17.15 0.70
CA TRP A 22 3.35 -15.96 -0.16
C TRP A 22 4.57 -16.10 -1.07
N LEU A 23 5.48 -17.03 -0.77
CA LEU A 23 6.82 -17.10 -1.42
C LEU A 23 6.70 -17.04 -2.94
N ASP A 24 5.91 -17.95 -3.53
CA ASP A 24 5.80 -18.12 -5.00
C ASP A 24 5.17 -16.87 -5.61
N ASP A 25 4.16 -16.30 -4.96
CA ASP A 25 3.51 -15.06 -5.43
C ASP A 25 4.52 -13.89 -5.39
N VAL A 26 5.32 -13.77 -4.34
CA VAL A 26 6.28 -12.64 -4.22
C VAL A 26 7.36 -12.81 -5.29
N GLN A 27 7.85 -14.04 -5.50
CA GLN A 27 8.91 -14.29 -6.51
C GLN A 27 8.37 -13.91 -7.88
N ALA A 28 7.15 -14.34 -8.22
CA ALA A 28 6.53 -14.09 -9.54
C ALA A 28 6.37 -12.58 -9.75
N ALA A 29 5.99 -11.85 -8.71
CA ALA A 29 5.74 -10.40 -8.81
C ALA A 29 7.07 -9.68 -9.05
N MET A 30 8.09 -10.01 -8.27
CA MET A 30 9.41 -9.35 -8.41
C MET A 30 10.00 -9.64 -9.79
N ASP A 31 9.88 -10.89 -10.26
CA ASP A 31 10.38 -11.29 -11.60
C ASP A 31 9.65 -10.50 -12.70
N LYS A 32 8.32 -10.39 -12.61
CA LYS A 32 7.50 -9.73 -13.66
C LYS A 32 7.91 -8.26 -13.80
N PHE A 33 8.21 -7.58 -12.69
CA PHE A 33 8.48 -6.14 -12.65
C PHE A 33 9.98 -5.84 -12.45
N HIS A 34 10.87 -6.81 -12.72
CA HIS A 34 12.33 -6.62 -12.88
C HIS A 34 12.98 -6.17 -11.57
N ILE A 35 12.44 -6.65 -10.44
CA ILE A 35 13.00 -6.41 -9.08
C ILE A 35 13.97 -7.57 -8.82
N GLU A 36 15.24 -7.40 -9.20
CA GLU A 36 16.20 -8.52 -9.43
C GLU A 36 17.42 -8.43 -8.51
N SER A 37 17.96 -7.24 -8.29
CA SER A 37 19.25 -7.05 -7.56
C SER A 37 19.00 -7.21 -6.06
N PRO A 38 20.04 -7.50 -5.25
CA PRO A 38 19.89 -7.56 -3.80
C PRO A 38 19.23 -6.29 -3.22
N ARG A 39 19.66 -5.09 -3.64
CA ARG A 39 19.17 -3.81 -3.06
C ARG A 39 17.72 -3.55 -3.48
N ALA A 40 17.37 -3.89 -4.72
CA ALA A 40 16.00 -3.72 -5.24
C ALA A 40 15.06 -4.64 -4.46
N ILE A 41 15.44 -5.91 -4.33
CA ILE A 41 14.62 -6.92 -3.59
C ILE A 41 14.50 -6.49 -2.12
N ALA A 42 15.61 -6.11 -1.49
CA ALA A 42 15.63 -5.70 -0.07
C ALA A 42 14.73 -4.47 0.13
N ALA A 43 14.79 -3.47 -0.76
CA ALA A 43 14.05 -2.21 -0.60
C ALA A 43 12.54 -2.50 -0.75
N TYR A 44 12.20 -3.36 -1.71
CA TYR A 44 10.81 -3.83 -1.97
C TYR A 44 10.29 -4.55 -0.73
N LEU A 45 10.99 -5.58 -0.26
CA LEU A 45 10.46 -6.39 0.88
C LEU A 45 10.36 -5.54 2.15
N ALA A 46 11.38 -4.74 2.46
CA ALA A 46 11.43 -3.91 3.68
C ALA A 46 10.21 -3.00 3.72
N ASN A 47 9.81 -2.44 2.58
CA ASN A 47 8.64 -1.52 2.52
C ASN A 47 7.32 -2.29 2.52
N ILE A 48 7.18 -3.36 1.75
CA ILE A 48 5.87 -4.08 1.69
C ILE A 48 5.55 -4.68 3.06
N GLY A 49 6.56 -5.16 3.80
CA GLY A 49 6.33 -5.75 5.13
C GLY A 49 5.81 -4.72 6.12
N VAL A 50 6.41 -3.54 6.15
CA VAL A 50 5.99 -2.50 7.12
C VAL A 50 4.63 -1.96 6.69
N GLU A 51 4.41 -1.72 5.40
CA GLU A 51 3.14 -1.13 4.90
C GLU A 51 1.97 -2.06 5.28
N SER A 52 2.20 -3.38 5.28
CA SER A 52 1.14 -4.41 5.47
C SER A 52 1.19 -5.12 6.84
N GLY A 53 2.03 -4.69 7.77
CA GLY A 53 2.18 -5.38 9.06
C GLY A 53 2.57 -6.84 8.88
N GLY A 54 3.51 -7.12 7.98
CA GLY A 54 4.00 -8.50 7.78
C GLY A 54 3.05 -9.34 6.92
N LEU A 55 2.49 -8.73 5.87
CA LEU A 55 1.62 -9.38 4.84
C LEU A 55 0.27 -9.74 5.46
N VAL A 56 -0.17 -8.97 6.46
CA VAL A 56 -1.43 -9.24 7.21
C VAL A 56 -2.56 -8.34 6.71
N SER A 57 -2.30 -7.05 6.57
CA SER A 57 -3.32 -6.00 6.32
C SER A 57 -3.30 -5.67 4.82
N LEU A 58 -4.35 -6.04 4.11
CA LEU A 58 -4.40 -5.98 2.63
C LEU A 58 -5.50 -5.04 2.12
N VAL A 59 -6.22 -4.39 3.01
CA VAL A 59 -7.37 -3.54 2.59
C VAL A 59 -7.48 -2.36 3.55
N GLU A 60 -7.84 -1.22 2.99
CA GLU A 60 -8.10 0.02 3.71
C GLU A 60 -9.16 -0.26 4.77
N ASN A 61 -8.94 0.30 5.96
CA ASN A 61 -9.94 0.28 7.06
C ASN A 61 -10.75 1.57 6.95
N LEU A 62 -12.06 1.49 6.65
CA LEU A 62 -12.94 2.68 6.58
C LEU A 62 -13.97 2.67 7.71
N ASN A 63 -13.60 2.10 8.84
CA ASN A 63 -14.40 2.15 10.09
C ASN A 63 -14.00 3.40 10.85
N TYR A 64 -14.87 4.40 10.84
CA TYR A 64 -14.62 5.71 11.51
C TYR A 64 -15.84 6.14 12.29
N SER A 65 -15.57 6.66 13.48
CA SER A 65 -16.57 7.50 14.19
C SER A 65 -16.62 8.88 13.53
N ALA A 66 -17.58 9.70 13.91
CA ALA A 66 -17.66 11.09 13.41
C ALA A 66 -16.38 11.83 13.81
N GLN A 67 -15.93 11.60 15.03
CA GLN A 67 -14.70 12.27 15.49
C GLN A 67 -13.49 11.77 14.67
N GLY A 68 -13.43 10.49 14.34
CA GLY A 68 -12.36 9.95 13.51
C GLY A 68 -12.37 10.59 12.11
N LEU A 69 -13.55 10.81 11.53
CA LEU A 69 -13.62 11.50 10.22
C LEU A 69 -13.07 12.91 10.34
N ALA A 70 -13.48 13.66 11.36
CA ALA A 70 -13.03 15.05 11.55
C ALA A 70 -11.51 15.07 11.74
N ASN A 71 -10.98 14.10 12.46
CA ASN A 71 -9.53 14.05 12.76
C ASN A 71 -8.72 13.68 11.52
N THR A 72 -9.30 12.87 10.63
CA THR A 72 -8.54 12.28 9.51
C THR A 72 -8.59 13.20 8.28
N TRP A 73 -9.76 13.77 7.99
CA TRP A 73 -9.93 14.72 6.87
C TRP A 73 -10.62 15.99 7.36
N PRO A 74 -9.93 16.80 8.19
CA PRO A 74 -10.61 17.95 8.80
C PRO A 74 -11.12 18.96 7.79
N ARG A 75 -10.46 19.09 6.63
CA ARG A 75 -10.94 20.06 5.61
C ARG A 75 -12.32 19.63 5.08
N ARG A 76 -12.63 18.33 5.12
CA ARG A 76 -13.94 17.80 4.69
C ARG A 76 -14.94 17.67 5.84
N TYR A 77 -14.45 17.26 7.00
CA TYR A 77 -15.33 16.67 8.04
C TYR A 77 -15.26 17.43 9.38
N ALA A 78 -14.44 18.47 9.50
CA ALA A 78 -14.45 19.32 10.72
C ALA A 78 -15.21 20.61 10.41
N VAL A 79 -15.86 21.17 11.43
CA VAL A 79 -16.51 22.50 11.30
C VAL A 79 -15.42 23.54 10.97
N ASP A 80 -14.28 23.44 11.64
CA ASP A 80 -13.19 24.43 11.54
C ASP A 80 -11.86 23.71 11.67
N PRO A 81 -11.08 23.62 10.57
CA PRO A 81 -9.80 22.94 10.64
C PRO A 81 -8.67 23.73 11.31
N ARG A 82 -8.99 24.90 11.86
CA ARG A 82 -7.95 25.77 12.48
C ARG A 82 -7.98 25.65 14.01
N VAL A 83 -8.84 24.81 14.58
CA VAL A 83 -8.99 24.73 16.06
C VAL A 83 -8.81 23.30 16.54
N ARG A 84 -8.58 23.19 17.84
CA ARG A 84 -8.40 21.92 18.55
C ARG A 84 -9.29 21.92 19.77
N PRO A 85 -10.06 20.85 20.02
CA PRO A 85 -10.23 19.70 19.12
C PRO A 85 -11.02 20.07 17.86
N TYR A 86 -10.90 19.23 16.85
CA TYR A 86 -11.83 19.35 15.71
C TYR A 86 -13.23 18.97 16.19
N VAL A 87 -14.23 19.66 15.65
CA VAL A 87 -15.66 19.34 15.89
C VAL A 87 -16.20 18.74 14.61
N PRO A 88 -16.78 17.52 14.65
CA PRO A 88 -17.33 16.94 13.42
C PRO A 88 -18.46 17.83 12.89
N ASN A 89 -18.47 18.02 11.57
CA ASN A 89 -19.55 18.76 10.88
C ASN A 89 -20.73 17.84 10.56
N ALA A 90 -21.77 18.43 10.01
CA ALA A 90 -23.01 17.69 9.73
C ALA A 90 -22.73 16.54 8.77
N LEU A 91 -21.86 16.75 7.79
CA LEU A 91 -21.51 15.67 6.84
C LEU A 91 -20.86 14.51 7.60
N ALA A 92 -19.89 14.81 8.46
CA ALA A 92 -19.23 13.75 9.24
C ALA A 92 -20.28 12.95 10.03
N ASN A 93 -21.25 13.64 10.63
CA ASN A 93 -22.23 12.96 11.49
C ASN A 93 -23.13 12.05 10.64
N ARG A 94 -23.38 12.42 9.37
CA ARG A 94 -24.22 11.61 8.45
C ARG A 94 -23.41 10.38 7.97
N LEU A 95 -22.12 10.54 7.69
CA LEU A 95 -21.30 9.45 7.07
C LEU A 95 -20.70 8.50 8.08
N ALA A 96 -20.57 8.92 9.34
CA ALA A 96 -19.85 8.10 10.33
C ALA A 96 -20.42 6.69 10.39
N ARG A 97 -19.53 5.73 10.60
CA ARG A 97 -19.91 4.32 10.84
C ARG A 97 -20.64 3.77 9.61
N ASN A 98 -20.21 4.20 8.44
CA ASN A 98 -20.79 3.80 7.15
C ASN A 98 -19.64 3.71 6.15
N PRO A 99 -18.85 2.62 6.18
CA PRO A 99 -17.63 2.53 5.37
C PRO A 99 -17.85 2.86 3.88
N VAL A 100 -18.91 2.31 3.30
CA VAL A 100 -19.18 2.52 1.86
C VAL A 100 -19.45 4.00 1.60
N ALA A 101 -20.26 4.63 2.43
CA ALA A 101 -20.65 6.02 2.21
C ALA A 101 -19.44 6.94 2.42
N ILE A 102 -18.59 6.62 3.38
CA ILE A 102 -17.36 7.43 3.61
C ILE A 102 -16.49 7.33 2.34
N ALA A 103 -16.17 6.11 1.89
CA ALA A 103 -15.26 5.96 0.74
C ALA A 103 -15.87 6.68 -0.47
N ASN A 104 -17.16 6.49 -0.70
CA ASN A 104 -17.79 7.10 -1.89
C ASN A 104 -17.71 8.63 -1.85
N ASN A 105 -17.79 9.20 -0.65
CA ASN A 105 -17.69 10.67 -0.50
C ASN A 105 -16.24 11.14 -0.59
N VAL A 106 -15.35 10.55 0.21
CA VAL A 106 -13.98 11.09 0.36
C VAL A 106 -13.18 10.87 -0.93
N TYR A 107 -13.48 9.81 -1.69
CA TYR A 107 -12.70 9.48 -2.91
C TYR A 107 -13.51 9.80 -4.15
N ALA A 108 -14.63 10.47 -4.05
CA ALA A 108 -15.40 10.89 -5.24
C ALA A 108 -14.58 11.82 -6.12
N ASP A 109 -14.67 11.59 -7.43
CA ASP A 109 -14.20 12.58 -8.43
C ASP A 109 -12.71 12.82 -8.28
N ARG A 110 -11.98 11.83 -7.77
CA ARG A 110 -10.51 11.91 -7.83
CA ARG A 110 -10.52 11.82 -7.48
C ARG A 110 -9.93 10.51 -8.02
N MET A 111 -8.67 10.51 -8.45
CA MET A 111 -7.92 9.28 -8.70
C MET A 111 -8.62 8.43 -9.79
N GLY A 112 -9.40 9.08 -10.65
CA GLY A 112 -10.10 8.41 -11.76
C GLY A 112 -11.51 8.00 -11.39
N ASN A 113 -11.89 8.12 -10.14
CA ASN A 113 -13.24 7.74 -9.68
C ASN A 113 -14.27 8.76 -10.19
N GLY A 114 -15.48 8.28 -10.41
CA GLY A 114 -16.64 9.13 -10.69
C GLY A 114 -17.31 9.64 -9.43
N CYS A 115 -18.56 10.05 -9.58
CA CYS A 115 -19.31 10.74 -8.53
C CYS A 115 -19.61 9.79 -7.37
N GLU A 116 -19.94 10.39 -6.25
CA GLU A 116 -20.24 9.70 -4.99
C GLU A 116 -21.33 8.66 -5.25
N GLN A 117 -22.36 9.04 -5.98
CA GLN A 117 -23.61 8.24 -6.14
C GLN A 117 -23.30 6.93 -6.85
N ASP A 118 -22.25 6.89 -7.68
CA ASP A 118 -21.99 5.73 -8.57
C ASP A 118 -20.98 4.74 -7.99
N GLY A 119 -20.41 4.98 -6.82
CA GLY A 119 -19.78 3.91 -6.03
C GLY A 119 -18.32 3.61 -6.33
N ASP A 120 -17.62 4.41 -7.14
CA ASP A 120 -16.20 4.10 -7.44
C ASP A 120 -15.34 4.28 -6.18
N GLY A 121 -15.68 5.21 -5.30
CA GLY A 121 -14.78 5.45 -4.16
C GLY A 121 -14.62 4.23 -3.29
N TRP A 122 -15.72 3.57 -2.97
CA TRP A 122 -15.67 2.28 -2.26
C TRP A 122 -15.09 1.17 -3.13
N LYS A 123 -15.54 1.07 -4.38
CA LYS A 123 -15.12 -0.07 -5.20
C LYS A 123 -13.60 -0.12 -5.33
N TYR A 124 -12.97 1.05 -5.48
CA TYR A 124 -11.51 1.19 -5.70
C TYR A 124 -10.81 1.76 -4.46
N ARG A 125 -11.33 1.41 -3.29
CA ARG A 125 -10.64 1.77 -2.03
C ARG A 125 -9.29 1.06 -1.95
N GLY A 126 -8.44 1.47 -1.04
CA GLY A 126 -7.08 0.94 -0.94
C GLY A 126 -7.04 -0.56 -0.76
N ARG A 127 -6.27 -1.24 -1.61
CA ARG A 127 -6.00 -2.67 -1.45
C ARG A 127 -4.56 -3.00 -1.82
N GLY A 128 -4.04 -4.04 -1.19
CA GLY A 128 -2.70 -4.57 -1.50
C GLY A 128 -1.75 -4.37 -0.35
N LEU A 129 -0.46 -4.48 -0.63
CA LEU A 129 0.58 -4.26 0.40
C LEU A 129 0.92 -2.77 0.40
N ILE A 130 1.48 -2.29 -0.69
CA ILE A 130 1.49 -0.84 -1.04
C ILE A 130 0.14 -0.56 -1.69
N GLN A 131 -0.78 0.00 -0.95
CA GLN A 131 -2.20 -0.02 -1.40
C GLN A 131 -2.37 0.82 -2.66
N LEU A 132 -3.14 0.27 -3.59
CA LEU A 132 -3.63 0.99 -4.77
C LEU A 132 -5.01 1.53 -4.45
N THR A 133 -5.24 2.78 -4.82
CA THR A 133 -6.54 3.45 -4.62
C THR A 133 -6.95 4.14 -5.92
N GLY A 134 -8.22 4.01 -6.25
CA GLY A 134 -8.84 4.79 -7.33
C GLY A 134 -8.84 4.09 -8.67
N LYS A 135 -9.90 4.33 -9.42
CA LYS A 135 -10.12 3.64 -10.70
C LYS A 135 -8.90 3.79 -11.62
N SER A 136 -8.26 4.95 -11.66
CA SER A 136 -7.15 5.18 -12.62
C SER A 136 -5.99 4.20 -12.36
N ASN A 137 -5.57 4.05 -11.12
CA ASN A 137 -4.43 3.18 -10.80
C ASN A 137 -4.84 1.71 -10.95
N TYR A 138 -6.07 1.35 -10.60
CA TYR A 138 -6.52 -0.04 -10.83
C TYR A 138 -6.47 -0.33 -12.33
N SER A 139 -6.87 0.63 -13.15
CA SER A 139 -6.93 0.49 -14.63
C SER A 139 -5.50 0.34 -15.18
N LEU A 140 -4.56 1.17 -14.73
CA LEU A 140 -3.17 1.14 -15.23
C LEU A 140 -2.54 -0.19 -14.81
N PHE A 141 -2.77 -0.62 -13.58
CA PHE A 141 -2.25 -1.91 -13.09
C PHE A 141 -2.85 -3.05 -13.91
N ALA A 142 -4.14 -3.00 -14.21
CA ALA A 142 -4.82 -4.02 -15.03
C ALA A 142 -4.10 -4.11 -16.39
N GLU A 143 -3.78 -2.98 -17.01
CA GLU A 143 -3.17 -2.99 -18.37
C GLU A 143 -1.75 -3.55 -18.28
N ASP A 144 -1.01 -3.19 -17.24
CA ASP A 144 0.43 -3.58 -17.10
C ASP A 144 0.58 -5.02 -16.63
N SER A 145 -0.42 -5.61 -15.98
CA SER A 145 -0.30 -6.94 -15.32
C SER A 145 -1.13 -8.01 -16.03
N GLY A 146 -2.20 -7.61 -16.72
CA GLY A 146 -3.22 -8.53 -17.27
C GLY A 146 -4.17 -9.06 -16.21
N MET A 147 -4.09 -8.56 -14.98
CA MET A 147 -5.02 -8.98 -13.91
C MET A 147 -6.32 -8.16 -14.03
N ASP A 148 -7.46 -8.85 -13.88
CA ASP A 148 -8.83 -8.36 -14.15
C ASP A 148 -9.35 -7.54 -12.97
N VAL A 149 -8.62 -6.51 -12.51
CA VAL A 149 -8.92 -5.86 -11.22
C VAL A 149 -10.01 -4.79 -11.36
N LEU A 150 -10.44 -4.41 -12.56
CA LEU A 150 -11.59 -3.48 -12.65
C LEU A 150 -12.89 -4.22 -12.35
N GLU A 151 -13.04 -5.44 -12.87
CA GLU A 151 -14.25 -6.28 -12.64
C GLU A 151 -14.14 -6.94 -11.26
N LYS A 152 -12.91 -7.25 -10.83
CA LYS A 152 -12.63 -8.03 -9.59
C LYS A 152 -11.55 -7.35 -8.79
N PRO A 153 -11.81 -6.14 -8.26
CA PRO A 153 -10.80 -5.42 -7.49
C PRO A 153 -10.33 -6.18 -6.24
N GLU A 154 -11.16 -7.08 -5.74
CA GLU A 154 -10.83 -7.95 -4.59
C GLU A 154 -9.60 -8.81 -4.90
N LEU A 155 -9.20 -9.00 -6.16
CA LEU A 155 -7.95 -9.74 -6.47
C LEU A 155 -6.75 -9.09 -5.76
N LEU A 156 -6.79 -7.80 -5.49
CA LEU A 156 -5.64 -7.15 -4.81
C LEU A 156 -5.57 -7.55 -3.32
N GLU A 157 -6.57 -8.25 -2.78
CA GLU A 157 -6.52 -8.79 -1.39
C GLU A 157 -6.11 -10.27 -1.38
N THR A 158 -5.76 -10.82 -2.52
CA THR A 158 -5.17 -12.17 -2.59
C THR A 158 -3.65 -12.01 -2.54
N PRO A 159 -2.89 -13.01 -2.03
CA PRO A 159 -1.43 -12.90 -2.08
C PRO A 159 -0.88 -12.59 -3.48
N ALA A 160 -1.44 -13.21 -4.52
CA ALA A 160 -0.95 -13.01 -5.90
C ALA A 160 -1.16 -11.55 -6.31
N GLY A 161 -2.35 -11.01 -6.06
CA GLY A 161 -2.68 -9.64 -6.48
C GLY A 161 -1.98 -8.58 -5.63
N ALA A 162 -1.89 -8.81 -4.33
CA ALA A 162 -1.22 -7.85 -3.41
C ALA A 162 0.27 -7.77 -3.77
N SER A 163 0.92 -8.92 -3.98
CA SER A 163 2.36 -8.93 -4.34
CA SER A 163 2.36 -8.97 -4.36
C SER A 163 2.54 -8.30 -5.73
N MET A 164 1.71 -8.69 -6.68
CA MET A 164 1.89 -8.20 -8.07
C MET A 164 1.68 -6.68 -8.12
N SER A 165 0.63 -6.17 -7.48
CA SER A 165 0.31 -4.73 -7.51
C SER A 165 1.41 -3.92 -6.79
N SER A 166 1.99 -4.44 -5.73
CA SER A 166 3.09 -3.75 -5.00
CA SER A 166 3.09 -3.73 -4.99
C SER A 166 4.35 -3.70 -5.86
N ALA A 167 4.66 -4.81 -6.53
CA ALA A 167 5.83 -4.88 -7.45
C ALA A 167 5.62 -3.88 -8.59
N TRP A 168 4.41 -3.82 -9.13
CA TRP A 168 4.03 -2.83 -10.17
C TRP A 168 4.29 -1.42 -9.64
N PHE A 169 3.83 -1.13 -8.42
CA PHE A 169 3.98 0.24 -7.85
C PHE A 169 5.46 0.62 -7.75
N PHE A 170 6.27 -0.31 -7.24
CA PHE A 170 7.73 -0.15 -7.03
C PHE A 170 8.42 0.13 -8.37
N TRP A 171 8.10 -0.66 -9.39
CA TRP A 171 8.64 -0.50 -10.76
C TRP A 171 8.19 0.85 -11.32
N ARG A 172 6.89 1.12 -11.29
CA ARG A 172 6.33 2.28 -12.03
C ARG A 172 6.81 3.59 -11.40
N ASN A 173 7.05 3.62 -10.08
CA ASN A 173 7.41 4.86 -9.34
C ASN A 173 8.95 4.99 -9.25
N ARG A 174 9.67 4.23 -10.07
CA ARG A 174 11.13 4.37 -10.33
C ARG A 174 11.93 4.00 -9.07
N CYS A 175 11.45 3.04 -8.26
CA CYS A 175 12.11 2.67 -6.98
C CYS A 175 13.33 1.79 -7.25
N ILE A 176 13.37 1.10 -8.39
CA ILE A 176 14.49 0.16 -8.72
C ILE A 176 15.79 0.96 -8.88
N PRO A 177 15.85 1.99 -9.76
CA PRO A 177 17.02 2.86 -9.80
C PRO A 177 17.39 3.55 -8.47
N MET A 178 16.40 3.93 -7.66
CA MET A 178 16.65 4.55 -6.32
C MET A 178 17.38 3.55 -5.43
N ALA A 179 16.84 2.33 -5.32
CA ALA A 179 17.44 1.23 -4.53
C ALA A 179 18.89 1.01 -4.99
N GLU A 180 19.11 0.92 -6.30
CA GLU A 180 20.43 0.53 -6.88
C GLU A 180 21.40 1.71 -6.87
N SER A 181 20.98 2.88 -6.38
CA SER A 181 21.86 4.05 -6.12
C SER A 181 22.08 4.24 -4.61
N ASN A 182 21.61 3.28 -3.79
CA ASN A 182 21.67 3.31 -2.31
C ASN A 182 20.90 4.53 -1.78
N ASN A 183 19.73 4.83 -2.37
CA ASN A 183 18.86 5.94 -1.92
C ASN A 183 17.59 5.37 -1.28
N PHE A 184 17.76 4.54 -0.26
CA PHE A 184 16.64 3.85 0.43
C PHE A 184 15.64 4.89 0.98
N SER A 185 16.14 6.03 1.46
CA SER A 185 15.33 7.11 2.07
C SER A 185 14.30 7.63 1.04
N MET A 186 14.73 7.78 -0.21
CA MET A 186 13.83 8.22 -1.32
C MET A 186 12.84 7.11 -1.64
N VAL A 187 13.26 5.84 -1.58
CA VAL A 187 12.34 4.71 -1.83
C VAL A 187 11.20 4.78 -0.81
N VAL A 188 11.52 5.00 0.47
CA VAL A 188 10.51 5.08 1.57
C VAL A 188 9.59 6.29 1.32
N LYS A 189 10.16 7.44 0.97
CA LYS A 189 9.38 8.69 0.72
C LYS A 189 8.39 8.43 -0.41
N THR A 190 8.83 7.75 -1.47
CA THR A 190 8.04 7.45 -2.69
C THR A 190 6.89 6.50 -2.34
N ILE A 191 7.13 5.51 -1.48
CA ILE A 191 6.13 4.46 -1.15
C ILE A 191 5.19 4.98 -0.06
N ASN A 192 5.73 5.57 1.00
CA ASN A 192 4.99 5.91 2.25
C ASN A 192 4.48 7.35 2.18
N GLY A 193 5.23 8.24 1.53
CA GLY A 193 4.90 9.66 1.43
C GLY A 193 5.86 10.52 2.23
N ALA A 194 6.56 9.93 3.20
CA ALA A 194 7.52 10.63 4.09
C ALA A 194 8.81 9.81 4.18
N ALA A 195 9.96 10.49 4.25
CA ALA A 195 11.27 9.87 4.53
C ALA A 195 11.16 9.06 5.82
N PRO A 196 12.08 8.09 6.09
CA PRO A 196 12.05 7.33 7.33
C PRO A 196 11.97 8.21 8.59
N ASN A 197 11.04 7.89 9.51
CA ASN A 197 10.75 8.67 10.74
C ASN A 197 10.04 7.76 11.74
N ASP A 198 9.64 8.30 12.89
CA ASP A 198 8.91 7.55 13.96
C ASP A 198 7.56 7.07 13.41
N ALA A 199 6.84 7.96 12.73
CA ALA A 199 5.44 7.77 12.28
C ALA A 199 5.34 6.55 11.35
N ASN A 200 6.36 6.31 10.51
CA ASN A 200 6.29 5.30 9.43
C ASN A 200 7.24 4.12 9.71
N HIS A 201 7.70 3.96 10.97
CA HIS A 201 8.58 2.84 11.37
C HIS A 201 9.83 2.86 10.48
N GLY A 202 10.42 4.04 10.28
CA GLY A 202 11.60 4.23 9.41
C GLY A 202 12.79 3.40 9.83
N GLN A 203 13.09 3.32 11.13
CA GLN A 203 14.24 2.52 11.64
C GLN A 203 14.02 1.04 11.33
N LEU A 204 12.79 0.55 11.48
CA LEU A 204 12.47 -0.89 11.21
C LEU A 204 12.63 -1.16 9.72
N ARG A 205 12.18 -0.25 8.86
CA ARG A 205 12.37 -0.36 7.39
C ARG A 205 13.86 -0.46 7.06
N ILE A 206 14.67 0.44 7.62
CA ILE A 206 16.15 0.47 7.37
C ILE A 206 16.75 -0.83 7.90
N ASN A 207 16.40 -1.24 9.13
CA ASN A 207 16.98 -2.46 9.74
C ASN A 207 16.68 -3.66 8.83
N ARG A 208 15.45 -3.81 8.36
CA ARG A 208 15.07 -4.98 7.52
C ARG A 208 15.74 -4.89 6.14
N TYR A 209 15.86 -3.69 5.59
CA TYR A 209 16.58 -3.43 4.31
C TYR A 209 18.02 -3.97 4.42
N MET A 210 18.77 -3.47 5.41
CA MET A 210 20.21 -3.81 5.57
C MET A 210 20.33 -5.32 5.83
N LYS A 211 19.46 -5.86 6.67
CA LYS A 211 19.51 -7.30 7.09
C LYS A 211 19.21 -8.17 5.87
N THR A 212 18.35 -7.72 4.95
CA THR A 212 17.92 -8.52 3.77
C THR A 212 19.03 -8.51 2.71
N ILE A 213 19.70 -7.38 2.51
CA ILE A 213 20.90 -7.30 1.60
C ILE A 213 21.90 -8.37 2.05
N ALA A 214 22.26 -8.34 3.34
CA ALA A 214 23.26 -9.27 3.95
C ALA A 214 22.80 -10.72 3.72
N ALA A 215 21.53 -11.03 3.98
CA ALA A 215 20.96 -12.39 3.81
C ALA A 215 21.09 -12.85 2.35
N ILE A 216 20.73 -12.00 1.39
CA ILE A 216 20.69 -12.36 -0.07
C ILE A 216 22.11 -12.70 -0.53
N ASN A 217 23.08 -11.90 -0.11
CA ASN A 217 24.51 -12.04 -0.51
C ASN A 217 25.13 -13.18 0.29
N GLN A 218 24.55 -14.39 0.21
CA GLN A 218 24.91 -15.55 1.06
C GLN A 218 23.86 -16.68 0.92
#